data_5AIH
#
_entry.id   5AIH
#
_cell.length_a   91.500
_cell.length_b   100.740
_cell.length_c   56.860
_cell.angle_alpha   90.00
_cell.angle_beta   90.00
_cell.angle_gamma   90.00
#
_symmetry.space_group_name_H-M   'C 2 2 21'
#
loop_
_entity.id
_entity.type
_entity.pdbx_description
1 polymer 'LIMONENE-1,2-EPOXIDE HYDROLASE'
2 non-polymer 'DIMETHYL SULFOXIDE'
3 non-polymer 1,2-ETHANEDIOL
4 water water
#
_entity_poly.entity_id   1
_entity_poly.type   'polypeptide(L)'
_entity_poly.pdbx_seq_one_letter_code
;MTPLETVQLFLARVNALDLDGACALLAEDVVYDNVPMPTVHGRAAARAFLSQLPATAIDWETHAIAATGDAARGTVLTER
TDRFTLADGRTLAIRVMGAFDVADGSITAWRDYFDLGQFMAQMAPSPSA
;
_entity_poly.pdbx_strand_id   A,B
#
# COMPACT_ATOMS: atom_id res chain seq x y z
N MET A 1 8.16 9.67 21.87
CA MET A 1 7.22 9.75 20.69
CA MET A 1 7.29 9.76 20.66
C MET A 1 6.68 8.38 20.42
N THR A 2 5.39 8.33 20.14
CA THR A 2 4.75 7.10 19.70
C THR A 2 5.16 6.81 18.25
N PRO A 3 4.95 5.58 17.82
CA PRO A 3 5.16 5.27 16.40
C PRO A 3 4.44 6.24 15.46
N LEU A 4 3.16 6.45 15.72
CA LEU A 4 2.36 7.38 14.90
CA LEU A 4 2.36 7.36 14.91
C LEU A 4 2.98 8.77 14.86
N GLU A 5 3.34 9.31 16.04
CA GLU A 5 3.96 10.63 16.10
C GLU A 5 5.30 10.73 15.37
N THR A 6 6.07 9.65 15.41
CA THR A 6 7.37 9.61 14.75
C THR A 6 7.17 9.74 13.23
N VAL A 7 6.19 8.99 12.70
CA VAL A 7 5.92 9.02 11.25
C VAL A 7 5.30 10.36 10.84
N GLN A 8 4.38 10.90 11.68
CA GLN A 8 3.88 12.22 11.40
C GLN A 8 5.01 13.26 11.34
N LEU A 9 5.98 13.15 12.24
CA LEU A 9 7.09 14.09 12.27
C LEU A 9 7.97 13.89 11.02
N PHE A 10 8.22 12.65 10.64
CA PHE A 10 8.96 12.36 9.42
C PHE A 10 8.33 13.04 8.20
N LEU A 11 7.03 12.83 8.06
CA LEU A 11 6.32 13.37 6.89
C LEU A 11 6.25 14.89 6.93
N ALA A 12 6.09 15.44 8.15
CA ALA A 12 6.15 16.92 8.25
C ALA A 12 7.49 17.48 7.85
N ARG A 13 8.56 16.81 8.24
CA ARG A 13 9.88 17.30 7.93
C ARG A 13 10.13 17.21 6.40
N VAL A 14 9.68 16.13 5.77
CA VAL A 14 9.74 16.07 4.31
C VAL A 14 9.01 17.25 3.67
N ASN A 15 7.79 17.48 4.16
CA ASN A 15 6.94 18.60 3.65
C ASN A 15 7.48 19.98 4.00
N ALA A 16 8.37 20.04 4.98
CA ALA A 16 9.05 21.28 5.32
C ALA A 16 10.36 21.41 4.55
N LEU A 17 10.63 20.51 3.60
CA LEU A 17 11.83 20.54 2.78
C LEU A 17 13.05 20.33 3.64
N ASP A 18 12.91 19.56 4.71
CA ASP A 18 14.00 19.28 5.65
C ASP A 18 14.30 17.78 5.54
N LEU A 19 14.89 17.39 4.42
CA LEU A 19 15.19 15.97 4.20
CA LEU A 19 15.19 15.97 4.19
C LEU A 19 16.25 15.43 5.16
N ASP A 20 17.21 16.26 5.56
CA ASP A 20 18.18 15.84 6.56
C ASP A 20 17.50 15.48 7.86
N GLY A 21 16.59 16.36 8.32
CA GLY A 21 15.91 16.12 9.58
C GLY A 21 14.94 14.94 9.51
N ALA A 22 14.31 14.77 8.34
CA ALA A 22 13.43 13.62 8.16
C ALA A 22 14.25 12.33 8.26
N CYS A 23 15.38 12.31 7.55
CA CYS A 23 16.22 11.08 7.58
C CYS A 23 16.88 10.80 8.92
N ALA A 24 17.03 11.83 9.78
CA ALA A 24 17.50 11.58 11.14
C ALA A 24 16.59 10.65 11.93
N LEU A 25 15.30 10.56 11.56
CA LEU A 25 14.37 9.70 12.22
C LEU A 25 14.45 8.24 11.73
N LEU A 26 15.11 8.01 10.61
CA LEU A 26 15.38 6.66 10.14
C LEU A 26 16.52 6.04 10.90
N ALA A 27 16.39 4.79 11.26
CA ALA A 27 17.50 4.05 11.91
C ALA A 27 18.74 4.08 11.03
N GLU A 28 19.92 4.03 11.67
CA GLU A 28 21.16 4.03 10.91
CA GLU A 28 21.14 4.03 10.90
C GLU A 28 21.19 2.89 9.89
N ASP A 29 20.58 1.77 10.23
CA ASP A 29 20.52 0.60 9.36
CA ASP A 29 20.53 0.60 9.34
C ASP A 29 19.10 0.37 8.80
N VAL A 30 18.38 1.45 8.56
CA VAL A 30 17.03 1.32 8.08
C VAL A 30 16.99 0.45 6.80
N VAL A 31 15.92 -0.34 6.71
CA VAL A 31 15.58 -1.04 5.45
C VAL A 31 14.55 -0.19 4.73
N TYR A 32 14.95 0.36 3.59
CA TYR A 32 14.06 1.26 2.81
C TYR A 32 13.70 0.55 1.52
N ASP A 33 12.48 0.01 1.51
CA ASP A 33 11.99 -0.94 0.49
C ASP A 33 10.90 -0.26 -0.34
N ASN A 34 11.29 0.36 -1.43
CA ASN A 34 10.34 0.75 -2.48
C ASN A 34 10.06 -0.55 -3.21
N VAL A 35 8.85 -1.06 -3.08
CA VAL A 35 8.59 -2.46 -3.40
C VAL A 35 8.94 -2.86 -4.83
N PRO A 36 8.74 -1.99 -5.83
CA PRO A 36 9.17 -2.35 -7.21
C PRO A 36 10.57 -1.87 -7.61
N MET A 37 11.38 -1.43 -6.64
CA MET A 37 12.73 -0.93 -6.92
C MET A 37 13.77 -1.69 -6.07
N PRO A 38 15.07 -1.50 -6.39
CA PRO A 38 16.05 -2.10 -5.51
C PRO A 38 15.97 -1.55 -4.08
N THR A 39 16.20 -2.42 -3.11
CA THR A 39 16.15 -2.05 -1.70
C THR A 39 17.33 -1.17 -1.34
N VAL A 40 17.07 -0.20 -0.47
CA VAL A 40 18.08 0.73 -0.01
C VAL A 40 18.32 0.39 1.45
N HIS A 41 19.61 0.33 1.84
CA HIS A 41 19.98 0.02 3.20
C HIS A 41 20.75 1.13 3.85
N GLY A 42 20.27 1.59 5.00
CA GLY A 42 20.97 2.60 5.77
C GLY A 42 20.44 4.01 5.58
N ARG A 43 20.60 4.81 6.63
CA ARG A 43 20.17 6.20 6.57
C ARG A 43 20.78 7.02 5.47
N ALA A 44 22.12 6.92 5.31
CA ALA A 44 22.77 7.70 4.33
C ALA A 44 22.31 7.39 2.91
N ALA A 45 22.13 6.09 2.65
CA ALA A 45 21.66 5.68 1.33
C ALA A 45 20.19 6.08 1.09
N ALA A 46 19.42 6.12 2.16
CA ALA A 46 18.03 6.58 2.02
C ALA A 46 18.02 8.07 1.72
N ARG A 47 18.88 8.83 2.41
CA ARG A 47 18.95 10.26 2.18
C ARG A 47 19.38 10.55 0.75
N ALA A 48 20.36 9.78 0.25
CA ALA A 48 20.79 9.90 -1.13
C ALA A 48 19.68 9.59 -2.14
N PHE A 49 18.93 8.51 -1.89
CA PHE A 49 17.82 8.18 -2.78
C PHE A 49 16.83 9.32 -2.86
N LEU A 50 16.54 9.95 -1.72
CA LEU A 50 15.55 11.02 -1.68
C LEU A 50 15.98 12.29 -2.41
N SER A 51 17.29 12.46 -2.58
CA SER A 51 17.80 13.59 -3.37
CA SER A 51 17.86 13.57 -3.35
C SER A 51 18.19 13.21 -4.80
N GLN A 52 17.87 12.00 -5.26
CA GLN A 52 18.17 11.65 -6.66
CA GLN A 52 18.17 11.63 -6.64
C GLN A 52 17.27 12.43 -7.58
N LEU A 53 16.09 12.74 -7.08
CA LEU A 53 15.16 13.59 -7.80
CA LEU A 53 15.13 13.56 -7.76
C LEU A 53 15.21 15.00 -7.21
N PRO A 54 15.90 15.91 -7.92
CA PRO A 54 16.01 17.27 -7.38
C PRO A 54 14.69 18.04 -7.41
N ALA A 55 14.04 18.13 -6.25
CA ALA A 55 12.75 18.81 -6.15
C ALA A 55 12.88 20.19 -5.52
N THR A 56 12.17 21.14 -6.10
CA THR A 56 12.04 22.49 -5.54
C THR A 56 10.79 22.67 -4.67
N ALA A 57 9.79 21.79 -4.82
CA ALA A 57 8.60 21.82 -3.97
C ALA A 57 8.22 20.38 -3.73
N ILE A 58 7.76 20.09 -2.53
CA ILE A 58 7.42 18.73 -2.14
C ILE A 58 6.15 18.82 -1.32
N ASP A 59 5.13 18.02 -1.63
CA ASP A 59 3.90 17.94 -0.83
C ASP A 59 3.43 16.50 -0.78
N TRP A 60 3.82 15.76 0.25
CA TRP A 60 3.35 14.40 0.43
C TRP A 60 2.08 14.50 1.27
N GLU A 61 0.96 14.29 0.59
CA GLU A 61 -0.34 14.37 1.21
CA GLU A 61 -0.37 14.36 1.20
C GLU A 61 -0.63 13.09 1.96
N THR A 62 -1.00 13.20 3.22
CA THR A 62 -1.43 12.04 4.00
C THR A 62 -2.96 11.98 3.99
N HIS A 63 -3.51 11.00 3.30
CA HIS A 63 -4.97 10.80 3.25
C HIS A 63 -5.44 10.06 4.47
N ALA A 64 -4.67 9.11 4.97
CA ALA A 64 -5.03 8.33 6.14
C ALA A 64 -3.75 7.80 6.79
N ILE A 65 -3.78 7.68 8.11
CA ILE A 65 -2.63 7.16 8.87
C ILE A 65 -3.17 6.44 10.10
N ALA A 66 -2.64 5.25 10.40
CA ALA A 66 -3.09 4.48 11.54
C ALA A 66 -1.99 3.53 11.94
N ALA A 67 -1.90 3.20 13.23
CA ALA A 67 -0.77 2.39 13.68
C ALA A 67 -1.21 1.15 14.43
N THR A 68 -0.41 0.10 14.29
CA THR A 68 -0.48 -1.09 15.15
C THR A 68 0.42 -0.88 16.35
N GLY A 69 0.35 -1.79 17.30
CA GLY A 69 1.34 -1.81 18.39
C GLY A 69 0.94 -0.94 19.57
N ASP A 70 1.94 -0.36 20.22
CA ASP A 70 1.73 0.35 21.46
C ASP A 70 2.45 1.69 21.43
N ALA A 71 2.59 2.35 22.57
CA ALA A 71 3.16 3.69 22.58
C ALA A 71 4.64 3.73 22.29
N ALA A 72 5.32 2.59 22.35
CA ALA A 72 6.75 2.55 22.07
C ALA A 72 7.10 1.98 20.69
N ARG A 73 6.40 0.93 20.28
CA ARG A 73 6.77 0.17 19.07
CA ARG A 73 6.77 0.17 19.07
C ARG A 73 5.52 -0.22 18.29
N GLY A 74 5.64 -0.17 16.96
CA GLY A 74 4.50 -0.56 16.14
C GLY A 74 4.80 -0.28 14.69
N THR A 75 3.82 -0.63 13.86
CA THR A 75 3.91 -0.41 12.43
C THR A 75 2.86 0.64 12.09
N VAL A 76 3.28 1.72 11.45
CA VAL A 76 2.39 2.80 11.07
C VAL A 76 2.09 2.67 9.57
N LEU A 77 0.80 2.63 9.22
CA LEU A 77 0.37 2.47 7.83
C LEU A 77 -0.13 3.85 7.36
N THR A 78 0.20 4.16 6.12
CA THR A 78 -0.10 5.46 5.53
C THR A 78 -0.68 5.26 4.13
N GLU A 79 -1.62 6.16 3.79
CA GLU A 79 -2.10 6.28 2.44
C GLU A 79 -1.82 7.68 1.97
N ARG A 80 -1.09 7.81 0.88
CA ARG A 80 -0.55 9.12 0.49
C ARG A 80 -0.69 9.39 -1.00
N THR A 81 -0.50 10.66 -1.34
CA THR A 81 -0.13 11.08 -2.70
C THR A 81 1.09 11.94 -2.58
N ASP A 82 2.22 11.46 -3.11
CA ASP A 82 3.47 12.18 -2.99
C ASP A 82 3.63 13.09 -4.20
N ARG A 83 3.46 14.39 -3.98
CA ARG A 83 3.55 15.39 -5.04
CA ARG A 83 3.55 15.40 -5.04
C ARG A 83 4.90 16.09 -4.96
N PHE A 84 5.49 16.36 -6.11
CA PHE A 84 6.69 17.18 -6.07
CA PHE A 84 6.86 16.93 -6.24
C PHE A 84 6.89 17.86 -7.42
N THR A 85 7.65 18.96 -7.35
CA THR A 85 8.02 19.71 -8.55
C THR A 85 9.53 19.66 -8.66
N LEU A 86 10.03 19.29 -9.83
CA LEU A 86 11.47 19.22 -10.05
C LEU A 86 12.01 20.56 -10.60
N ALA A 87 13.32 20.74 -10.58
CA ALA A 87 13.98 21.96 -11.08
C ALA A 87 13.47 22.37 -12.45
N ASP A 88 13.25 21.37 -13.31
CA ASP A 88 12.91 21.64 -14.71
C ASP A 88 11.42 21.93 -14.93
N GLY A 89 10.64 21.96 -13.85
CA GLY A 89 9.19 22.17 -13.96
C GLY A 89 8.38 20.88 -14.04
N ARG A 90 9.05 19.73 -14.19
CA ARG A 90 8.31 18.43 -14.16
C ARG A 90 7.52 18.37 -12.83
N THR A 91 6.21 18.17 -12.91
CA THR A 91 5.38 17.99 -11.72
CA THR A 91 5.38 18.02 -11.72
C THR A 91 4.93 16.54 -11.64
N LEU A 92 5.05 15.96 -10.46
CA LEU A 92 4.69 14.53 -10.27
C LEU A 92 3.70 14.38 -9.14
N ALA A 93 2.85 13.34 -9.22
CA ALA A 93 1.93 13.02 -8.17
C ALA A 93 1.78 11.52 -8.07
N ILE A 94 2.49 10.91 -7.13
CA ILE A 94 2.65 9.46 -7.06
C ILE A 94 1.75 8.95 -5.94
N ARG A 95 0.73 8.16 -6.30
CA ARG A 95 -0.14 7.51 -5.31
C ARG A 95 0.62 6.33 -4.68
N VAL A 96 0.69 6.33 -3.35
CA VAL A 96 1.53 5.39 -2.66
C VAL A 96 0.96 5.08 -1.28
N MET A 97 1.03 3.83 -0.84
CA MET A 97 0.84 3.48 0.55
C MET A 97 2.15 3.04 1.14
N GLY A 98 2.38 3.40 2.41
CA GLY A 98 3.67 3.07 3.04
C GLY A 98 3.47 2.54 4.42
N ALA A 99 4.25 1.53 4.76
CA ALA A 99 4.33 0.98 6.10
C ALA A 99 5.67 1.33 6.72
N PHE A 100 5.62 1.78 7.96
CA PHE A 100 6.80 2.24 8.69
C PHE A 100 6.87 1.47 10.00
N ASP A 101 7.93 0.67 10.20
CA ASP A 101 8.12 0.05 11.52
C ASP A 101 8.91 1.01 12.39
N VAL A 102 8.43 1.24 13.61
CA VAL A 102 9.04 2.20 14.49
C VAL A 102 9.31 1.53 15.83
N ALA A 103 10.50 1.80 16.34
CA ALA A 103 10.81 1.41 17.74
C ALA A 103 11.47 2.58 18.44
N ASP A 104 10.83 3.02 19.53
CA ASP A 104 11.36 4.09 20.36
C ASP A 104 11.76 5.33 19.56
N GLY A 105 10.86 5.80 18.70
CA GLY A 105 11.09 7.03 17.97
C GLY A 105 12.02 6.95 16.78
N SER A 106 12.35 5.73 16.36
CA SER A 106 13.22 5.52 15.23
C SER A 106 12.54 4.56 14.23
N ILE A 107 12.57 4.94 12.95
CA ILE A 107 11.97 4.15 11.88
C ILE A 107 12.99 3.09 11.44
N THR A 108 12.69 1.84 11.74
CA THR A 108 13.61 0.74 11.42
C THR A 108 13.44 0.15 10.01
N ALA A 109 12.23 0.36 9.46
CA ALA A 109 11.95 -0.11 8.10
C ALA A 109 10.83 0.75 7.54
N TRP A 110 10.88 0.90 6.23
CA TRP A 110 9.94 1.73 5.50
C TRP A 110 9.71 1.04 4.18
N ARG A 111 8.47 0.60 3.96
CA ARG A 111 8.06 -0.16 2.76
C ARG A 111 7.00 0.66 2.01
N ASP A 112 7.32 1.11 0.80
CA ASP A 112 6.40 1.93 -0.02
C ASP A 112 5.90 1.13 -1.21
N TYR A 113 4.60 1.19 -1.42
CA TYR A 113 3.84 0.37 -2.38
C TYR A 113 3.22 1.29 -3.41
N PHE A 114 3.64 1.13 -4.67
CA PHE A 114 3.19 1.99 -5.75
C PHE A 114 3.49 1.27 -7.05
N ASP A 115 3.00 1.84 -8.16
CA ASP A 115 3.20 1.25 -9.50
C ASP A 115 4.34 1.96 -10.19
N LEU A 116 5.37 1.20 -10.53
CA LEU A 116 6.57 1.77 -11.10
C LEU A 116 6.30 2.27 -12.53
N GLY A 117 5.46 1.56 -13.28
CA GLY A 117 5.12 2.02 -14.62
C GLY A 117 4.56 3.41 -14.59
N GLN A 118 3.66 3.68 -13.64
CA GLN A 118 3.08 5.03 -13.54
CA GLN A 118 3.05 5.02 -13.49
C GLN A 118 4.10 6.05 -13.15
N PHE A 119 4.97 5.70 -12.23
CA PHE A 119 6.04 6.58 -11.78
C PHE A 119 6.91 6.95 -12.99
N MET A 120 7.32 5.94 -13.75
CA MET A 120 8.16 6.18 -14.91
CA MET A 120 8.15 6.20 -14.92
C MET A 120 7.47 7.04 -15.96
N ALA A 121 6.18 6.85 -16.16
CA ALA A 121 5.44 7.62 -17.16
C ALA A 121 5.42 9.07 -16.75
N GLN A 122 5.35 9.30 -15.45
CA GLN A 122 5.22 10.69 -14.98
C GLN A 122 6.57 11.38 -15.09
N MET A 123 7.63 10.61 -15.03
CA MET A 123 8.99 11.13 -15.16
C MET A 123 9.40 11.37 -16.58
N ALA A 124 8.63 10.86 -17.53
CA ALA A 124 9.01 10.97 -18.92
C ALA A 124 8.79 12.42 -19.37
N PRO A 125 9.84 13.08 -19.91
CA PRO A 125 9.69 14.48 -20.32
C PRO A 125 8.69 14.68 -21.47
N MET B 1 -20.50 -4.43 13.39
CA MET B 1 -19.06 -4.61 13.20
C MET B 1 -18.40 -3.26 13.09
N THR B 2 -17.20 -3.17 13.64
CA THR B 2 -16.33 -2.03 13.43
C THR B 2 -15.78 -2.07 11.99
N PRO B 3 -15.25 -0.93 11.54
CA PRO B 3 -14.53 -0.95 10.25
C PRO B 3 -13.48 -2.06 10.18
N LEU B 4 -12.63 -2.13 11.21
CA LEU B 4 -11.57 -3.13 11.27
CA LEU B 4 -11.56 -3.12 11.19
C LEU B 4 -12.15 -4.54 11.13
N GLU B 5 -13.18 -4.81 11.92
CA GLU B 5 -13.80 -6.13 11.88
C GLU B 5 -14.38 -6.48 10.51
N THR B 6 -14.95 -5.49 9.84
CA THR B 6 -15.56 -5.68 8.54
C THR B 6 -14.50 -6.11 7.51
N VAL B 7 -13.34 -5.44 7.56
CA VAL B 7 -12.26 -5.79 6.66
C VAL B 7 -11.65 -7.15 6.98
N GLN B 8 -11.52 -7.43 8.28
CA GLN B 8 -11.05 -8.76 8.66
C GLN B 8 -11.95 -9.82 8.11
N LEU B 9 -13.25 -9.56 8.17
CA LEU B 9 -14.22 -10.53 7.72
C LEU B 9 -14.11 -10.71 6.18
N PHE B 10 -14.01 -9.57 5.46
CA PHE B 10 -13.78 -9.61 4.03
C PHE B 10 -12.61 -10.51 3.68
N LEU B 11 -11.47 -10.23 4.31
CA LEU B 11 -10.25 -10.96 3.98
C LEU B 11 -10.38 -12.44 4.36
N ALA B 12 -11.01 -12.71 5.48
CA ALA B 12 -11.23 -14.11 5.83
C ALA B 12 -12.11 -14.84 4.85
N ARG B 13 -13.16 -14.19 4.34
CA ARG B 13 -14.02 -14.85 3.36
C ARG B 13 -13.26 -15.08 2.05
N VAL B 14 -12.43 -14.13 1.61
CA VAL B 14 -11.58 -14.38 0.45
C VAL B 14 -10.72 -15.62 0.68
N ASN B 15 -10.08 -15.67 1.85
CA ASN B 15 -9.22 -16.81 2.21
C ASN B 15 -9.95 -18.13 2.41
N ALA B 16 -11.25 -18.05 2.61
CA ALA B 16 -12.11 -19.21 2.73
C ALA B 16 -12.66 -19.61 1.36
N LEU B 17 -12.18 -18.96 0.30
CA LEU B 17 -12.59 -19.23 -1.07
C LEU B 17 -14.08 -18.93 -1.24
N ASP B 18 -14.55 -17.93 -0.51
CA ASP B 18 -15.94 -17.49 -0.55
C ASP B 18 -15.98 -16.09 -1.15
N LEU B 19 -15.72 -16.00 -2.45
CA LEU B 19 -15.65 -14.67 -3.09
CA LEU B 19 -15.65 -14.70 -3.12
C LEU B 19 -17.01 -14.00 -3.12
N ASP B 20 -18.10 -14.76 -3.27
CA ASP B 20 -19.41 -14.16 -3.24
C ASP B 20 -19.71 -13.53 -1.87
N GLY B 21 -19.39 -14.25 -0.79
CA GLY B 21 -19.61 -13.71 0.54
C GLY B 21 -18.72 -12.50 0.84
N ALA B 22 -17.48 -12.55 0.35
CA ALA B 22 -16.59 -11.44 0.55
C ALA B 22 -17.17 -10.21 -0.16
N CYS B 23 -17.54 -10.41 -1.43
CA CYS B 23 -18.09 -9.26 -2.18
C CYS B 23 -19.43 -8.76 -1.64
N ALA B 24 -20.19 -9.58 -0.90
CA ALA B 24 -21.40 -9.10 -0.25
C ALA B 24 -21.15 -7.98 0.76
N LEU B 25 -19.90 -7.87 1.27
CA LEU B 25 -19.53 -6.82 2.20
C LEU B 25 -19.19 -5.50 1.52
N LEU B 26 -19.00 -5.56 0.21
CA LEU B 26 -18.79 -4.36 -0.60
C LEU B 26 -20.12 -3.71 -0.86
N ALA B 27 -20.16 -2.39 -0.77
CA ALA B 27 -21.36 -1.64 -1.11
C ALA B 27 -21.79 -1.96 -2.54
N GLU B 28 -23.11 -1.92 -2.80
CA GLU B 28 -23.57 -2.16 -4.16
CA GLU B 28 -23.61 -2.13 -4.15
C GLU B 28 -22.89 -1.23 -5.17
N ASP B 29 -22.60 0.00 -4.75
CA ASP B 29 -21.92 1.00 -5.57
C ASP B 29 -20.46 1.23 -5.15
N VAL B 30 -19.84 0.18 -4.67
CA VAL B 30 -18.45 0.28 -4.21
C VAL B 30 -17.55 0.92 -5.28
N VAL B 31 -16.61 1.74 -4.84
CA VAL B 31 -15.51 2.22 -5.69
C VAL B 31 -14.33 1.26 -5.50
N TYR B 32 -14.03 0.50 -6.53
CA TYR B 32 -12.95 -0.49 -6.47
C TYR B 32 -11.81 0.01 -7.33
N ASP B 33 -10.77 0.48 -6.64
CA ASP B 33 -9.66 1.22 -7.26
C ASP B 33 -8.37 0.42 -7.08
N ASN B 34 -8.07 -0.43 -8.04
CA ASN B 34 -6.70 -0.95 -8.12
C ASN B 34 -5.91 0.22 -8.67
N VAL B 35 -5.00 0.79 -7.90
CA VAL B 35 -4.33 2.01 -8.31
C VAL B 35 -3.63 1.86 -9.68
N PRO B 36 -3.07 0.69 -10.01
CA PRO B 36 -2.52 0.55 -11.35
C PRO B 36 -3.48 0.51 -12.53
N MET B 37 -4.77 0.34 -12.30
CA MET B 37 -5.71 0.07 -13.40
C MET B 37 -6.88 1.03 -13.33
N PRO B 38 -7.70 1.06 -14.40
CA PRO B 38 -8.89 1.88 -14.30
C PRO B 38 -9.82 1.45 -13.14
N THR B 39 -10.38 2.44 -12.49
CA THR B 39 -11.32 2.21 -11.39
C THR B 39 -12.60 1.53 -11.91
N VAL B 40 -13.11 0.60 -11.11
CA VAL B 40 -14.32 -0.25 -11.33
C VAL B 40 -15.36 0.33 -10.35
N HIS B 41 -16.64 0.33 -10.76
CA HIS B 41 -17.71 0.77 -9.91
C HIS B 41 -18.73 -0.32 -9.77
N GLY B 42 -19.05 -0.65 -8.54
CA GLY B 42 -20.14 -1.59 -8.24
C GLY B 42 -19.68 -2.96 -7.84
N ARG B 43 -20.47 -3.59 -6.98
CA ARG B 43 -20.12 -4.90 -6.44
C ARG B 43 -19.94 -5.96 -7.52
N ALA B 44 -20.84 -5.95 -8.50
CA ALA B 44 -20.76 -6.94 -9.58
C ALA B 44 -19.47 -6.83 -10.37
N ALA B 45 -19.06 -5.62 -10.68
CA ALA B 45 -17.77 -5.42 -11.35
C ALA B 45 -16.54 -5.82 -10.53
N ALA B 46 -16.59 -5.62 -9.23
CA ALA B 46 -15.49 -6.04 -8.40
C ALA B 46 -15.43 -7.57 -8.39
N ARG B 47 -16.58 -8.19 -8.28
CA ARG B 47 -16.65 -9.65 -8.24
C ARG B 47 -16.15 -10.25 -9.57
N ALA B 48 -16.47 -9.57 -10.67
CA ALA B 48 -15.95 -9.98 -12.02
C ALA B 48 -14.44 -9.89 -12.12
N PHE B 49 -13.86 -8.78 -11.65
CA PHE B 49 -12.39 -8.68 -11.62
C PHE B 49 -11.77 -9.83 -10.86
N LEU B 50 -12.34 -10.14 -9.70
CA LEU B 50 -11.77 -11.16 -8.90
C LEU B 50 -11.94 -12.51 -9.61
N SER B 51 -12.98 -12.68 -10.41
CA SER B 51 -13.20 -13.98 -11.04
C SER B 51 -12.30 -14.25 -12.25
N GLN B 52 -11.92 -13.21 -12.98
N GLN B 52 -11.49 -13.22 -12.60
CA GLN B 52 -11.38 -13.50 -14.30
CA GLN B 52 -10.37 -13.28 -13.59
C GLN B 52 -10.04 -14.23 -14.11
C GLN B 52 -9.03 -13.80 -13.06
N LEU B 53 -9.55 -14.30 -12.86
N LEU B 53 -8.93 -13.94 -11.75
CA LEU B 53 -8.37 -15.08 -12.53
CA LEU B 53 -7.70 -14.39 -11.15
C LEU B 53 -8.76 -16.41 -11.87
C LEU B 53 -7.93 -15.89 -10.86
N PRO B 54 -8.79 -17.50 -12.64
N PRO B 54 -8.07 -16.71 -11.92
CA PRO B 54 -9.20 -18.76 -11.99
CA PRO B 54 -8.63 -18.07 -11.93
C PRO B 54 -8.14 -19.32 -11.03
C PRO B 54 -7.90 -19.03 -11.00
N ALA B 55 -8.33 -19.06 -9.74
CA ALA B 55 -7.49 -19.63 -8.68
C ALA B 55 -8.12 -20.83 -7.99
N THR B 56 -7.29 -21.83 -7.72
CA THR B 56 -7.69 -23.03 -6.98
C THR B 56 -7.32 -22.93 -5.50
N ALA B 57 -6.33 -22.08 -5.18
CA ALA B 57 -5.98 -21.79 -3.80
C ALA B 57 -5.68 -20.32 -3.70
N ILE B 58 -6.06 -19.74 -2.57
CA ILE B 58 -5.93 -18.28 -2.37
C ILE B 58 -5.49 -18.06 -0.93
N ASP B 59 -4.43 -17.28 -0.73
CA ASP B 59 -3.99 -16.91 0.61
C ASP B 59 -3.53 -15.46 0.63
N TRP B 60 -4.41 -14.57 1.08
CA TRP B 60 -4.05 -13.18 1.26
C TRP B 60 -3.62 -12.98 2.70
N GLU B 61 -2.31 -12.86 2.87
CA GLU B 61 -1.70 -12.73 4.19
CA GLU B 61 -1.69 -12.73 4.19
C GLU B 61 -1.79 -11.29 4.66
N THR B 62 -2.28 -11.06 5.87
CA THR B 62 -2.35 -9.74 6.47
C THR B 62 -1.16 -9.57 7.39
N HIS B 63 -0.18 -8.77 6.98
CA HIS B 63 1.00 -8.48 7.80
C HIS B 63 0.69 -7.46 8.88
N ALA B 64 -0.17 -6.49 8.58
CA ALA B 64 -0.51 -5.43 9.51
C ALA B 64 -1.87 -4.86 9.09
N ILE B 65 -2.66 -4.44 10.07
CA ILE B 65 -3.97 -3.86 9.82
C ILE B 65 -4.25 -2.85 10.92
N ALA B 66 -4.71 -1.65 10.54
CA ALA B 66 -5.02 -0.62 11.54
C ALA B 66 -6.04 0.32 10.94
N ALA B 67 -6.87 0.96 11.77
CA ALA B 67 -7.98 1.75 11.26
C ALA B 67 -8.02 3.14 11.83
N THR B 68 -8.46 4.08 11.00
CA THR B 68 -8.85 5.43 11.46
C THR B 68 -10.31 5.41 11.88
N GLY B 69 -10.78 6.52 12.43
CA GLY B 69 -12.22 6.67 12.66
C GLY B 69 -12.66 6.11 13.99
N ASP B 70 -13.88 5.59 13.98
CA ASP B 70 -14.53 5.15 15.22
C ASP B 70 -15.16 3.78 15.04
N ALA B 71 -16.02 3.37 15.95
CA ALA B 71 -16.55 2.02 15.90
C ALA B 71 -17.53 1.81 14.78
N ALA B 72 -18.05 2.88 14.17
CA ALA B 72 -18.99 2.76 13.06
C ALA B 72 -18.39 3.00 11.66
N ARG B 73 -17.50 4.00 11.56
CA ARG B 73 -17.02 4.46 10.26
CA ARG B 73 -17.04 4.52 10.28
C ARG B 73 -15.55 4.78 10.35
N GLY B 74 -14.81 4.43 9.29
CA GLY B 74 -13.40 4.71 9.29
C GLY B 74 -12.76 4.13 8.05
N THR B 75 -11.46 4.39 7.92
CA THR B 75 -10.64 3.83 6.84
C THR B 75 -9.68 2.83 7.43
N VAL B 76 -9.74 1.61 6.93
CA VAL B 76 -8.90 0.54 7.40
C VAL B 76 -7.74 0.39 6.43
N LEU B 77 -6.50 0.42 6.96
CA LEU B 77 -5.29 0.24 6.19
C LEU B 77 -4.72 -1.15 6.40
N THR B 78 -4.21 -1.76 5.33
CA THR B 78 -3.68 -3.11 5.37
C THR B 78 -2.35 -3.18 4.66
N GLU B 79 -1.48 -4.04 5.15
CA GLU B 79 -0.27 -4.42 4.46
C GLU B 79 -0.34 -5.94 4.25
N ARG B 80 -0.25 -6.38 3.02
CA ARG B 80 -0.53 -7.77 2.66
C ARG B 80 0.44 -8.37 1.67
N THR B 81 0.44 -9.70 1.59
CA THR B 81 0.99 -10.39 0.45
C THR B 81 -0.14 -11.30 -0.04
N ASP B 82 -0.58 -11.10 -1.27
CA ASP B 82 -1.72 -11.84 -1.80
C ASP B 82 -1.16 -12.96 -2.70
N ARG B 83 -1.42 -14.19 -2.30
CA ARG B 83 -0.93 -15.38 -2.97
CA ARG B 83 -0.94 -15.37 -3.02
C ARG B 83 -2.05 -16.16 -3.63
N PHE B 84 -1.78 -16.71 -4.83
CA PHE B 84 -2.78 -17.43 -5.60
C PHE B 84 -2.12 -18.65 -6.23
N THR B 85 -2.85 -19.75 -6.34
N THR B 85 -2.83 -19.75 -6.32
CA THR B 85 -2.40 -20.85 -7.20
CA THR B 85 -2.39 -20.87 -7.16
C THR B 85 -3.34 -21.18 -8.33
C THR B 85 -3.51 -21.06 -8.18
N LEU B 86 -2.76 -21.73 -9.39
N LEU B 86 -3.19 -20.87 -9.47
CA LEU B 86 -3.54 -22.49 -10.37
CA LEU B 86 -4.20 -20.91 -10.56
C LEU B 86 -3.49 -23.98 -9.99
C LEU B 86 -4.55 -22.33 -11.05
N ALA B 87 -4.34 -24.76 -10.64
N ALA B 87 -5.60 -22.44 -11.86
CA ALA B 87 -4.50 -26.17 -10.33
CA ALA B 87 -6.05 -23.72 -12.40
C ALA B 87 -3.17 -26.90 -10.28
C ALA B 87 -4.92 -24.51 -13.07
N ASP B 88 -2.28 -26.58 -11.22
N ASP B 88 -4.02 -23.80 -13.74
CA ASP B 88 -1.03 -27.31 -11.38
CA ASP B 88 -2.96 -24.44 -14.52
C ASP B 88 0.07 -26.85 -10.44
C ASP B 88 -1.75 -24.88 -13.71
N GLY B 89 -0.28 -26.03 -9.46
N GLY B 89 -1.73 -24.61 -12.41
CA GLY B 89 0.59 -25.80 -8.31
CA GLY B 89 -0.53 -24.91 -11.62
C GLY B 89 1.46 -24.56 -8.31
C GLY B 89 0.33 -23.72 -11.31
N ARG B 90 1.56 -23.88 -9.46
N ARG B 90 0.14 -22.64 -12.06
CA ARG B 90 2.39 -22.67 -9.55
CA ARG B 90 0.89 -21.40 -11.86
C ARG B 90 1.68 -21.54 -8.81
C ARG B 90 0.66 -20.83 -10.46
N THR B 91 2.45 -20.81 -8.00
N THR B 91 1.75 -20.46 -9.79
CA THR B 91 1.87 -19.81 -7.12
CA THR B 91 1.69 -19.78 -8.52
C THR B 91 2.32 -18.40 -7.49
C THR B 91 2.11 -18.31 -8.65
N LEU B 92 1.38 -17.49 -7.53
N LEU B 92 1.45 -17.44 -7.89
CA LEU B 92 1.65 -16.09 -7.80
CA LEU B 92 1.66 -15.99 -7.98
C LEU B 92 1.65 -15.45 -6.42
C LEU B 92 1.54 -15.34 -6.59
N ALA B 93 2.45 -14.41 -6.27
CA ALA B 93 2.43 -13.64 -5.00
C ALA B 93 2.60 -12.18 -5.33
N ILE B 94 1.73 -11.32 -4.79
CA ILE B 94 1.90 -9.89 -5.01
C ILE B 94 1.82 -9.15 -3.67
N ARG B 95 2.83 -8.35 -3.43
CA ARG B 95 2.86 -7.50 -2.24
C ARG B 95 1.96 -6.28 -2.49
N VAL B 96 1.09 -5.99 -1.55
CA VAL B 96 0.06 -4.98 -1.77
C VAL B 96 -0.34 -4.33 -0.48
N MET B 97 -0.57 -3.00 -0.47
CA MET B 97 -1.20 -2.34 0.65
C MET B 97 -2.58 -1.89 0.20
N GLY B 98 -3.57 -2.00 1.07
CA GLY B 98 -4.94 -1.62 0.69
C GLY B 98 -5.61 -0.76 1.72
N ALA B 99 -6.34 0.24 1.26
CA ALA B 99 -7.20 1.09 2.09
C ALA B 99 -8.66 0.76 1.80
N PHE B 100 -9.43 0.60 2.87
CA PHE B 100 -10.84 0.24 2.79
C PHE B 100 -11.64 1.27 3.57
N ASP B 101 -12.53 1.99 2.90
CA ASP B 101 -13.45 2.87 3.62
C ASP B 101 -14.68 2.05 4.02
N VAL B 102 -15.03 2.12 5.30
CA VAL B 102 -16.15 1.33 5.82
C VAL B 102 -17.11 2.24 6.54
N ALA B 103 -18.39 2.03 6.29
CA ALA B 103 -19.44 2.67 7.06
C ALA B 103 -20.49 1.65 7.42
N ASP B 104 -20.68 1.48 8.73
CA ASP B 104 -21.72 0.57 9.27
C ASP B 104 -21.66 -0.82 8.62
N GLY B 105 -20.47 -1.39 8.60
CA GLY B 105 -20.30 -2.77 8.15
C GLY B 105 -20.32 -2.97 6.65
N SER B 106 -20.25 -1.88 5.90
CA SER B 106 -20.19 -1.97 4.45
C SER B 106 -18.94 -1.24 3.93
N ILE B 107 -18.24 -1.89 3.01
CA ILE B 107 -17.03 -1.31 2.41
C ILE B 107 -17.48 -0.47 1.24
N THR B 108 -17.36 0.84 1.38
CA THR B 108 -17.80 1.75 0.35
C THR B 108 -16.73 2.03 -0.70
N ALA B 109 -15.45 1.80 -0.36
CA ALA B 109 -14.35 1.99 -1.29
C ALA B 109 -13.21 1.10 -0.88
N TRP B 110 -12.49 0.61 -1.88
CA TRP B 110 -11.37 -0.31 -1.68
C TRP B 110 -10.30 0.11 -2.66
N ARG B 111 -9.13 0.53 -2.14
CA ARG B 111 -8.02 1.09 -2.94
C ARG B 111 -6.78 0.25 -2.68
N ASP B 112 -6.35 -0.52 -3.67
CA ASP B 112 -5.16 -1.40 -3.53
C ASP B 112 -4.00 -0.81 -4.30
N TYR B 113 -2.87 -0.77 -3.61
CA TYR B 113 -1.62 -0.15 -4.04
C TYR B 113 -0.55 -1.20 -4.20
N PHE B 114 -0.08 -1.37 -5.43
CA PHE B 114 0.90 -2.41 -5.75
C PHE B 114 1.48 -2.10 -7.11
N ASP B 115 2.46 -2.92 -7.52
CA ASP B 115 3.07 -2.80 -8.83
C ASP B 115 2.49 -3.86 -9.74
N LEU B 116 1.76 -3.43 -10.75
CA LEU B 116 1.07 -4.38 -11.64
C LEU B 116 2.07 -5.15 -12.45
N GLY B 117 3.19 -4.54 -12.78
CA GLY B 117 4.23 -5.26 -13.52
C GLY B 117 4.70 -6.50 -12.79
N GLN B 118 4.92 -6.38 -11.49
CA GLN B 118 5.32 -7.54 -10.69
C GLN B 118 4.31 -8.66 -10.76
N PHE B 119 3.04 -8.31 -10.75
CA PHE B 119 1.93 -9.23 -10.80
CA PHE B 119 2.02 -9.32 -10.83
C PHE B 119 1.94 -9.92 -12.20
N MET B 120 1.94 -9.11 -13.24
CA MET B 120 1.82 -9.65 -14.61
C MET B 120 3.02 -10.43 -15.07
N ALA B 121 4.19 -10.10 -14.57
CA ALA B 121 5.44 -10.80 -14.87
C ALA B 121 5.39 -12.25 -14.44
N GLN B 122 4.54 -12.56 -13.47
CA GLN B 122 4.28 -13.94 -13.04
C GLN B 122 3.24 -14.69 -13.90
N MET B 123 2.56 -13.99 -14.82
CA MET B 123 1.49 -14.55 -15.64
CA MET B 123 1.52 -14.59 -15.64
C MET B 123 2.08 -15.00 -17.00
N ALA B 124 1.26 -15.63 -17.84
CA ALA B 124 1.75 -16.22 -19.09
C ALA B 124 0.61 -16.53 -20.05
N PRO B 125 0.73 -16.12 -21.33
CA PRO B 125 -0.34 -16.42 -22.31
C PRO B 125 -0.50 -17.92 -22.56
#